data_5V7P
#
_entry.id   5V7P
#
_cell.length_a   40.554
_cell.length_b   87.691
_cell.length_c   147.681
_cell.angle_alpha   90.00
_cell.angle_beta   90.00
_cell.angle_gamma   90.00
#
_symmetry.space_group_name_H-M   'P 21 21 21'
#
loop_
_entity.id
_entity.type
_entity.pdbx_description
1 polymer 'Protein-S-isoprenylcysteine O-methyltransferase'
2 polymer monobody
3 non-polymer S-ADENOSYL-L-HOMOCYSTEINE
4 non-polymer UNDECANE
5 non-polymer DECANE
6 non-polymer '[(Z)-octadec-9-enyl] (2R)-2,3-bis(oxidanyl)propanoate'
7 water water
#
loop_
_entity_poly.entity_id
_entity_poly.type
_entity_poly.pdbx_seq_one_letter_code
_entity_poly.pdbx_strand_id
1 'polypeptide(L)'
;MLSPAGKISLQSFTGSSLVFFVICMFNHYYGITNLVVNTLIVFFYAVNVYFFLKFFYNEFAFAIAIRAAFLGLVLVLGLY
IKLVAPPNIQIFGGYMSVMALFHYSEFLAIAIVQPKQVSTDSFVINHSPQYTIAAVSSWVEFFIETYFFPGLKEIHWLSN
IGLCVCILGEVLRKTAILTAGSNFNHLVQCEKSSDHVLVTHGVYAWFRHPSYVGWFYWSIGTQIILINPLCIPAYTLASW
MFFKERIYIEESMLLSFFGQQYCDYQQQVGTGIPFIEGYKIAAEGEEF
;
A
2 'polypeptide(L)'
;AVSSVPTKLEVVAATPTSLLISWDAPAVTVDLYVITYGETGGNSPVQEFKVPGSKSTATISGLKPGVDYTITVYAFSSYY
WPSYKGSPISINYRT
;
D
#
# COMPACT_ATOMS: atom_id res chain seq x y z
N LEU A 2 -16.16 -16.06 7.68
CA LEU A 2 -16.28 -14.89 6.82
C LEU A 2 -16.28 -15.31 5.35
N SER A 3 -15.90 -14.39 4.46
CA SER A 3 -15.94 -14.65 3.04
C SER A 3 -15.08 -15.87 2.69
N PRO A 4 -15.37 -16.52 1.54
CA PRO A 4 -14.53 -17.66 1.15
C PRO A 4 -13.06 -17.31 1.02
N ALA A 5 -12.73 -16.27 0.26
CA ALA A 5 -11.33 -15.85 0.14
C ALA A 5 -10.75 -15.50 1.49
N GLY A 6 -11.57 -14.95 2.40
CA GLY A 6 -11.09 -14.64 3.73
C GLY A 6 -10.75 -15.88 4.54
N LYS A 7 -11.57 -16.94 4.40
CA LYS A 7 -11.30 -18.18 5.11
C LYS A 7 -10.07 -18.88 4.56
N ILE A 8 -9.85 -18.79 3.24
CA ILE A 8 -8.65 -19.38 2.65
C ILE A 8 -7.40 -18.77 3.26
N SER A 9 -7.36 -17.45 3.36
CA SER A 9 -6.18 -16.78 3.91
C SER A 9 -6.00 -17.14 5.39
N LEU A 10 -7.09 -17.26 6.13
CA LEU A 10 -6.98 -17.54 7.56
C LEU A 10 -6.51 -18.97 7.80
N GLN A 11 -7.04 -19.93 7.04
CA GLN A 11 -6.59 -21.31 7.19
C GLN A 11 -5.13 -21.45 6.84
N SER A 12 -4.70 -20.82 5.74
CA SER A 12 -3.31 -20.95 5.30
C SER A 12 -2.35 -20.21 6.23
N PHE A 13 -2.76 -19.04 6.71
CA PHE A 13 -1.87 -18.25 7.56
C PHE A 13 -1.62 -18.95 8.89
N THR A 14 -2.69 -19.39 9.57
CA THR A 14 -2.53 -20.05 10.85
C THR A 14 -1.93 -21.45 10.69
N GLY A 15 -2.38 -22.19 9.67
CA GLY A 15 -1.80 -23.50 9.41
C GLY A 15 -0.31 -23.43 9.16
N SER A 16 0.12 -22.51 8.30
CA SER A 16 1.55 -22.31 8.06
C SER A 16 2.25 -21.86 9.34
N SER A 17 1.61 -20.97 10.11
CA SER A 17 2.19 -20.54 11.37
C SER A 17 2.36 -21.72 12.33
N LEU A 18 1.37 -22.63 12.35
CA LEU A 18 1.46 -23.78 13.24
C LEU A 18 2.55 -24.73 12.78
N VAL A 19 2.66 -24.96 11.48
CA VAL A 19 3.67 -25.88 10.96
C VAL A 19 5.07 -25.44 11.37
N PHE A 20 5.43 -24.20 11.03
CA PHE A 20 6.77 -23.73 11.31
C PHE A 20 6.98 -23.43 12.79
N PHE A 21 5.92 -23.17 13.54
CA PHE A 21 6.04 -23.13 14.99
C PHE A 21 6.54 -24.46 15.54
N VAL A 22 6.02 -25.56 15.02
CA VAL A 22 6.49 -26.88 15.43
C VAL A 22 7.94 -27.08 15.01
N ILE A 23 8.29 -26.66 13.80
CA ILE A 23 9.66 -26.84 13.31
C ILE A 23 10.64 -26.08 14.19
N CYS A 24 10.34 -24.82 14.48
CA CYS A 24 11.25 -24.02 15.30
C CYS A 24 11.32 -24.54 16.73
N MET A 25 10.19 -24.97 17.28
CA MET A 25 10.22 -25.59 18.61
C MET A 25 11.14 -26.80 18.62
N PHE A 26 11.04 -27.65 17.58
CA PHE A 26 11.91 -28.82 17.50
CA PHE A 26 11.91 -28.82 17.50
C PHE A 26 13.38 -28.41 17.39
N ASN A 27 13.67 -27.44 16.54
CA ASN A 27 15.05 -27.02 16.33
C ASN A 27 15.64 -26.38 17.58
N HIS A 28 14.81 -25.76 18.42
CA HIS A 28 15.32 -25.11 19.61
C HIS A 28 15.63 -26.12 20.71
N TYR A 29 14.73 -27.06 20.97
CA TYR A 29 14.92 -28.03 22.04
C TYR A 29 16.05 -29.01 21.73
N TYR A 30 16.41 -29.19 20.46
CA TYR A 30 17.49 -30.10 20.07
C TYR A 30 18.78 -29.37 19.72
N GLY A 31 18.91 -28.11 20.10
CA GLY A 31 20.15 -27.38 19.95
C GLY A 31 20.56 -27.15 18.51
N ILE A 32 19.63 -27.38 17.57
CA ILE A 32 19.91 -27.12 16.17
C ILE A 32 20.07 -25.62 16.00
N THR A 33 21.31 -25.15 15.98
CA THR A 33 21.61 -23.72 16.05
C THR A 33 22.18 -23.13 14.76
N ASN A 34 22.82 -23.94 13.92
CA ASN A 34 23.50 -23.40 12.75
C ASN A 34 22.51 -22.68 11.85
N LEU A 35 22.86 -21.45 11.46
CA LEU A 35 21.95 -20.63 10.66
C LEU A 35 21.59 -21.32 9.35
N VAL A 36 22.54 -22.01 8.72
CA VAL A 36 22.26 -22.59 7.41
C VAL A 36 21.45 -23.87 7.56
N VAL A 37 21.60 -24.57 8.68
CA VAL A 37 20.79 -25.77 8.92
C VAL A 37 19.33 -25.37 9.15
N ASN A 38 19.11 -24.37 9.99
CA ASN A 38 17.75 -23.87 10.18
C ASN A 38 17.18 -23.35 8.87
N THR A 39 18.00 -22.68 8.06
CA THR A 39 17.54 -22.19 6.76
C THR A 39 17.05 -23.34 5.90
N LEU A 40 17.84 -24.41 5.78
CA LEU A 40 17.48 -25.50 4.90
C LEU A 40 16.32 -26.32 5.44
N ILE A 41 16.19 -26.42 6.76
CA ILE A 41 15.03 -27.09 7.33
C ILE A 41 13.76 -26.32 6.99
N VAL A 42 13.80 -24.99 7.13
CA VAL A 42 12.65 -24.16 6.78
C VAL A 42 12.39 -24.21 5.28
N PHE A 43 13.45 -24.08 4.48
CA PHE A 43 13.29 -24.14 3.03
C PHE A 43 12.69 -25.48 2.61
N PHE A 44 13.17 -26.58 3.20
CA PHE A 44 12.63 -27.90 2.86
C PHE A 44 11.12 -27.93 3.04
N TYR A 45 10.62 -27.48 4.19
CA TYR A 45 9.19 -27.53 4.45
C TYR A 45 8.43 -26.41 3.74
N ALA A 46 9.11 -25.30 3.45
CA ALA A 46 8.49 -24.27 2.62
C ALA A 46 8.13 -24.82 1.25
N VAL A 47 8.97 -25.71 0.71
CA VAL A 47 8.65 -26.37 -0.55
C VAL A 47 7.44 -27.27 -0.38
N ASN A 48 7.34 -27.97 0.75
CA ASN A 48 6.24 -28.89 0.96
C ASN A 48 4.91 -28.16 1.07
N VAL A 49 4.88 -27.00 1.74
CA VAL A 49 3.64 -26.25 1.84
C VAL A 49 3.26 -25.67 0.49
N TYR A 50 4.24 -25.26 -0.31
CA TYR A 50 3.95 -24.72 -1.63
C TYR A 50 3.24 -25.75 -2.50
N PHE A 51 3.66 -27.01 -2.44
CA PHE A 51 3.09 -28.03 -3.31
C PHE A 51 1.83 -28.66 -2.75
N PHE A 52 1.69 -28.74 -1.42
CA PHE A 52 0.43 -29.19 -0.85
C PHE A 52 -0.67 -28.19 -1.10
N LEU A 53 -0.35 -26.89 -1.08
CA LEU A 53 -1.36 -25.86 -1.34
C LEU A 53 -1.75 -25.83 -2.82
N LYS A 54 -0.77 -25.93 -3.71
CA LYS A 54 -1.07 -25.92 -5.13
C LYS A 54 -1.95 -27.11 -5.51
N PHE A 55 -1.89 -28.19 -4.74
CA PHE A 55 -2.69 -29.37 -5.04
C PHE A 55 -4.13 -29.20 -4.58
N PHE A 56 -4.34 -28.53 -3.45
CA PHE A 56 -5.66 -28.40 -2.86
C PHE A 56 -6.41 -27.14 -3.29
N TYR A 57 -5.76 -26.24 -4.02
CA TYR A 57 -6.38 -24.99 -4.41
C TYR A 57 -6.24 -24.78 -5.91
N ASN A 58 -7.23 -24.10 -6.48
CA ASN A 58 -7.13 -23.68 -7.87
C ASN A 58 -6.27 -22.42 -7.96
N GLU A 59 -6.15 -21.87 -9.17
CA GLU A 59 -5.25 -20.75 -9.39
C GLU A 59 -5.62 -19.56 -8.50
N PHE A 60 -6.90 -19.18 -8.50
CA PHE A 60 -7.32 -18.01 -7.73
C PHE A 60 -7.05 -18.21 -6.24
N ALA A 61 -7.49 -19.34 -5.68
CA ALA A 61 -7.35 -19.55 -4.25
C ALA A 61 -5.90 -19.76 -3.84
N PHE A 62 -5.11 -20.43 -4.68
CA PHE A 62 -3.72 -20.67 -4.35
C PHE A 62 -2.94 -19.37 -4.25
N ALA A 63 -3.17 -18.45 -5.19
CA ALA A 63 -2.51 -17.15 -5.14
C ALA A 63 -2.73 -16.48 -3.79
N ILE A 64 -3.93 -16.62 -3.23
CA ILE A 64 -4.21 -16.07 -1.91
C ILE A 64 -3.58 -16.94 -0.83
N ALA A 65 -3.71 -18.25 -0.95
CA ALA A 65 -3.26 -19.15 0.12
C ALA A 65 -1.74 -19.09 0.30
N ILE A 66 -0.99 -19.07 -0.81
CA ILE A 66 0.46 -19.13 -0.69
C ILE A 66 1.01 -17.85 -0.10
N ARG A 67 0.40 -16.70 -0.39
CA ARG A 67 0.84 -15.45 0.21
C ARG A 67 0.54 -15.43 1.70
N ALA A 68 -0.65 -15.90 2.09
CA ALA A 68 -0.98 -15.97 3.51
C ALA A 68 -0.04 -16.93 4.23
N ALA A 69 0.26 -18.08 3.62
CA ALA A 69 1.19 -19.03 4.22
C ALA A 69 2.59 -18.43 4.34
N PHE A 70 3.02 -17.69 3.32
CA PHE A 70 4.32 -17.04 3.37
C PHE A 70 4.40 -16.05 4.52
N LEU A 71 3.34 -15.27 4.73
CA LEU A 71 3.33 -14.30 5.81
C LEU A 71 3.32 -14.99 7.17
N GLY A 72 2.65 -16.13 7.29
CA GLY A 72 2.75 -16.92 8.51
C GLY A 72 4.15 -17.41 8.75
N LEU A 73 4.84 -17.82 7.67
CA LEU A 73 6.23 -18.20 7.77
C LEU A 73 7.07 -17.07 8.36
N VAL A 74 6.90 -15.86 7.81
CA VAL A 74 7.68 -14.72 8.27
C VAL A 74 7.36 -14.40 9.72
N LEU A 75 6.08 -14.52 10.10
CA LEU A 75 5.69 -14.24 11.48
C LEU A 75 6.45 -15.13 12.46
N VAL A 76 6.38 -16.45 12.26
CA VAL A 76 7.00 -17.37 13.20
C VAL A 76 8.52 -17.20 13.19
N LEU A 77 9.12 -17.10 12.00
CA LEU A 77 10.55 -16.90 11.92
C LEU A 77 10.97 -15.62 12.62
N GLY A 78 10.16 -14.57 12.52
CA GLY A 78 10.46 -13.34 13.22
C GLY A 78 10.51 -13.53 14.73
N LEU A 79 9.47 -14.16 15.28
CA LEU A 79 9.45 -14.43 16.71
C LEU A 79 10.56 -15.40 17.10
N TYR A 80 10.85 -16.36 16.22
CA TYR A 80 11.95 -17.29 16.45
C TYR A 80 13.27 -16.54 16.58
N ILE A 81 13.53 -15.62 15.66
CA ILE A 81 14.77 -14.85 15.69
C ILE A 81 14.81 -13.96 16.92
N LYS A 82 13.67 -13.34 17.26
CA LYS A 82 13.63 -12.42 18.39
C LYS A 82 13.98 -13.12 19.69
N LEU A 83 13.68 -14.41 19.80
CA LEU A 83 13.85 -15.13 21.05
C LEU A 83 15.22 -15.78 21.21
N VAL A 84 15.80 -16.29 20.12
CA VAL A 84 16.98 -17.13 20.22
C VAL A 84 18.23 -16.48 19.61
N ALA A 85 18.08 -15.51 18.71
CA ALA A 85 19.24 -14.95 18.03
C ALA A 85 20.06 -14.10 19.00
N PRO A 86 21.30 -13.80 18.65
CA PRO A 86 22.13 -12.95 19.50
C PRO A 86 21.45 -11.61 19.73
N PRO A 87 21.71 -10.96 20.87
CA PRO A 87 21.13 -9.62 21.08
C PRO A 87 21.48 -8.65 19.98
N ASN A 88 22.58 -8.91 19.25
CA ASN A 88 22.93 -8.09 18.10
CA ASN A 88 22.92 -8.07 18.10
C ASN A 88 21.86 -8.15 17.01
N ILE A 89 21.09 -9.22 16.97
CA ILE A 89 20.17 -9.48 15.86
C ILE A 89 18.71 -9.53 16.27
N GLN A 90 18.39 -9.81 17.54
CA GLN A 90 17.01 -10.06 17.94
C GLN A 90 16.06 -8.99 17.44
N ILE A 91 16.53 -7.75 17.32
CA ILE A 91 15.68 -6.66 16.86
C ILE A 91 15.04 -7.00 15.53
N PHE A 92 15.82 -7.56 14.60
CA PHE A 92 15.30 -7.82 13.26
C PHE A 92 14.14 -8.80 13.28
N GLY A 93 14.12 -9.73 14.25
CA GLY A 93 13.03 -10.67 14.33
C GLY A 93 11.69 -10.00 14.59
N GLY A 94 11.66 -9.06 15.54
CA GLY A 94 10.43 -8.35 15.82
C GLY A 94 9.96 -7.52 14.63
N TYR A 95 10.91 -6.96 13.89
CA TYR A 95 10.55 -6.21 12.69
C TYR A 95 9.90 -7.11 11.65
N MET A 96 10.47 -8.30 11.42
CA MET A 96 9.88 -9.23 10.47
C MET A 96 8.45 -9.57 10.86
N SER A 97 8.21 -9.83 12.15
CA SER A 97 6.87 -10.22 12.58
C SER A 97 5.88 -9.08 12.42
N VAL A 98 6.27 -7.86 12.80
CA VAL A 98 5.41 -6.70 12.60
C VAL A 98 5.03 -6.55 11.14
N MET A 99 6.00 -6.75 10.24
CA MET A 99 5.73 -6.61 8.82
C MET A 99 4.73 -7.66 8.34
N ALA A 100 4.92 -8.91 8.76
CA ALA A 100 4.04 -9.98 8.32
C ALA A 100 2.62 -9.76 8.81
N LEU A 101 2.46 -9.35 10.06
CA LEU A 101 1.12 -9.11 10.60
C LEU A 101 0.44 -7.95 9.88
N PHE A 102 1.20 -6.90 9.55
CA PHE A 102 0.60 -5.77 8.85
C PHE A 102 -0.03 -6.22 7.53
N HIS A 103 0.74 -6.91 6.70
CA HIS A 103 0.28 -7.23 5.36
C HIS A 103 -0.87 -8.25 5.40
N TYR A 104 -0.81 -9.21 6.32
CA TYR A 104 -1.89 -10.19 6.39
C TYR A 104 -3.16 -9.57 6.96
N SER A 105 -3.06 -8.94 8.12
CA SER A 105 -4.23 -8.31 8.73
C SER A 105 -4.86 -7.30 7.78
N GLU A 106 -4.06 -6.69 6.90
CA GLU A 106 -4.60 -5.80 5.88
C GLU A 106 -5.51 -6.56 4.93
N PHE A 107 -5.10 -7.77 4.52
CA PHE A 107 -5.96 -8.60 3.68
C PHE A 107 -7.22 -9.01 4.43
N LEU A 108 -7.07 -9.44 5.69
CA LEU A 108 -8.22 -9.91 6.46
C LEU A 108 -9.22 -8.80 6.68
N ALA A 109 -8.74 -7.59 6.95
CA ALA A 109 -9.64 -6.45 7.14
C ALA A 109 -10.51 -6.23 5.89
N ILE A 110 -9.90 -6.24 4.71
CA ILE A 110 -10.66 -6.06 3.48
C ILE A 110 -11.62 -7.22 3.27
N ALA A 111 -11.16 -8.45 3.57
CA ALA A 111 -12.04 -9.60 3.42
C ALA A 111 -13.26 -9.48 4.33
N ILE A 112 -13.06 -9.01 5.56
CA ILE A 112 -14.18 -8.81 6.48
C ILE A 112 -15.06 -7.66 6.00
N VAL A 113 -14.43 -6.54 5.65
CA VAL A 113 -15.19 -5.31 5.40
C VAL A 113 -15.69 -5.22 3.96
N GLN A 114 -14.96 -5.79 3.00
CA GLN A 114 -15.25 -5.59 1.58
C GLN A 114 -14.95 -6.89 0.83
N PRO A 115 -15.77 -7.93 1.04
CA PRO A 115 -15.50 -9.21 0.37
C PRO A 115 -15.57 -9.14 -1.15
N LYS A 116 -16.30 -8.17 -1.70
CA LYS A 116 -16.55 -8.16 -3.14
C LYS A 116 -15.25 -7.98 -3.94
N GLN A 117 -14.37 -7.11 -3.48
CA GLN A 117 -13.11 -6.89 -4.18
C GLN A 117 -11.92 -7.24 -3.30
N VAL A 118 -11.80 -8.51 -2.94
CA VAL A 118 -10.61 -9.03 -2.26
C VAL A 118 -9.74 -9.72 -3.31
N SER A 119 -8.48 -9.31 -3.38
CA SER A 119 -7.53 -9.88 -4.33
C SER A 119 -6.17 -9.95 -3.66
N THR A 120 -5.19 -10.48 -4.39
CA THR A 120 -3.82 -10.49 -3.91
C THR A 120 -3.30 -9.08 -3.66
N ASP A 121 -3.91 -8.08 -4.30
CA ASP A 121 -3.56 -6.69 -4.03
C ASP A 121 -3.94 -6.27 -2.62
N SER A 122 -4.91 -6.96 -2.01
CA SER A 122 -5.32 -6.62 -0.65
C SER A 122 -4.23 -6.88 0.38
N PHE A 123 -3.26 -7.74 0.06
CA PHE A 123 -2.07 -7.86 0.90
C PHE A 123 -1.18 -6.63 0.84
N VAL A 124 -1.50 -5.68 -0.04
CA VAL A 124 -0.88 -4.36 -0.10
C VAL A 124 0.64 -4.45 -0.15
N ILE A 125 1.16 -5.44 -0.88
CA ILE A 125 2.60 -5.63 -1.02
C ILE A 125 3.08 -4.93 -2.29
N ASN A 126 4.09 -4.08 -2.14
CA ASN A 126 4.79 -3.45 -3.26
C ASN A 126 6.20 -4.04 -3.27
N HIS A 127 6.63 -4.68 -4.36
CA HIS A 127 6.10 -4.66 -5.73
C HIS A 127 6.04 -3.23 -6.28
N SER A 128 7.08 -2.46 -5.99
CA SER A 128 7.38 -1.20 -6.67
C SER A 128 8.90 -1.02 -6.54
N PRO A 129 9.63 -0.84 -7.64
CA PRO A 129 11.10 -0.77 -7.53
C PRO A 129 11.62 0.19 -6.47
N GLN A 130 11.15 1.44 -6.47
CA GLN A 130 11.64 2.40 -5.48
C GLN A 130 11.24 1.97 -4.06
N TYR A 131 10.02 1.48 -3.89
CA TYR A 131 9.57 1.01 -2.59
C TYR A 131 10.37 -0.21 -2.14
N THR A 132 10.65 -1.14 -3.06
CA THR A 132 11.43 -2.31 -2.71
C THR A 132 12.86 -1.93 -2.33
N ILE A 133 13.44 -0.98 -3.04
CA ILE A 133 14.78 -0.52 -2.70
C ILE A 133 14.79 0.06 -1.29
N ALA A 134 13.80 0.90 -0.97
CA ALA A 134 13.72 1.46 0.37
C ALA A 134 13.65 0.36 1.42
N ALA A 135 12.87 -0.68 1.16
CA ALA A 135 12.74 -1.78 2.12
C ALA A 135 14.06 -2.53 2.26
N VAL A 136 14.67 -2.90 1.14
CA VAL A 136 15.95 -3.60 1.18
C VAL A 136 17.01 -2.72 1.82
N SER A 137 16.99 -1.42 1.52
CA SER A 137 18.02 -0.53 2.05
C SER A 137 17.94 -0.46 3.56
N SER A 138 16.77 -0.69 4.16
CA SER A 138 16.67 -0.75 5.61
C SER A 138 17.21 -2.06 6.15
N TRP A 139 17.18 -3.12 5.35
CA TRP A 139 17.80 -4.38 5.77
C TRP A 139 19.32 -4.26 5.74
N VAL A 140 19.88 -3.64 4.71
CA VAL A 140 21.33 -3.55 4.61
C VAL A 140 21.88 -2.61 5.67
N GLU A 141 21.17 -1.50 5.93
CA GLU A 141 21.60 -0.60 6.99
C GLU A 141 21.69 -1.34 8.32
N PHE A 142 20.64 -2.08 8.67
CA PHE A 142 20.62 -2.80 9.93
C PHE A 142 21.84 -3.71 10.04
N PHE A 143 22.06 -4.58 9.05
CA PHE A 143 23.09 -5.59 9.17
C PHE A 143 24.49 -5.01 8.99
N ILE A 144 24.66 -3.96 8.19
CA ILE A 144 25.93 -3.25 8.16
C ILE A 144 26.17 -2.56 9.50
N GLU A 145 25.15 -1.89 10.03
CA GLU A 145 25.30 -1.20 11.30
C GLU A 145 25.45 -2.19 12.45
N THR A 146 24.76 -3.33 12.38
CA THR A 146 24.88 -4.32 13.44
C THR A 146 26.23 -5.01 13.41
N TYR A 147 26.89 -5.04 12.26
CA TYR A 147 28.23 -5.62 12.17
C TYR A 147 29.27 -4.69 12.78
N PHE A 148 29.21 -3.39 12.42
CA PHE A 148 30.20 -2.44 12.90
C PHE A 148 29.86 -1.91 14.28
N PHE A 149 28.56 -1.71 14.57
CA PHE A 149 28.11 -1.13 15.83
C PHE A 149 27.06 -2.04 16.47
N PRO A 150 27.46 -3.23 16.92
CA PRO A 150 26.48 -4.13 17.55
C PRO A 150 25.76 -3.51 18.73
N GLY A 151 26.42 -2.61 19.47
CA GLY A 151 25.77 -1.98 20.61
C GLY A 151 24.59 -1.14 20.23
N LEU A 152 24.58 -0.62 19.00
CA LEU A 152 23.45 0.19 18.53
C LEU A 152 22.16 -0.60 18.53
N LYS A 153 22.20 -1.84 18.04
CA LYS A 153 21.02 -2.68 17.98
C LYS A 153 20.72 -3.40 19.29
N GLU A 154 21.58 -3.25 20.29
CA GLU A 154 21.34 -3.84 21.61
C GLU A 154 20.62 -2.88 22.54
N ILE A 155 20.15 -1.75 22.03
CA ILE A 155 19.38 -0.79 22.85
C ILE A 155 17.92 -1.18 22.69
N HIS A 156 17.53 -2.23 23.43
CA HIS A 156 16.23 -2.85 23.21
C HIS A 156 15.08 -1.94 23.61
N TRP A 157 15.27 -1.08 24.62
CA TRP A 157 14.17 -0.21 25.05
C TRP A 157 13.79 0.77 23.93
N LEU A 158 14.76 1.22 23.14
CA LEU A 158 14.45 2.07 21.99
C LEU A 158 13.62 1.31 20.97
N SER A 159 14.06 0.09 20.62
CA SER A 159 13.34 -0.71 19.64
C SER A 159 11.93 -1.03 20.11
N ASN A 160 11.75 -1.30 21.41
CA ASN A 160 10.43 -1.59 21.94
C ASN A 160 9.52 -0.36 21.87
N ILE A 161 10.10 0.84 21.89
CA ILE A 161 9.30 2.04 21.60
C ILE A 161 8.77 1.95 20.18
N GLY A 162 9.61 1.55 19.22
CA GLY A 162 9.13 1.33 17.87
C GLY A 162 8.02 0.29 17.82
N LEU A 163 8.13 -0.76 18.65
CA LEU A 163 7.05 -1.73 18.75
C LEU A 163 5.74 -1.07 19.16
N CYS A 164 5.81 -0.15 20.13
CA CYS A 164 4.59 0.47 20.65
C CYS A 164 3.89 1.30 19.59
N VAL A 165 4.64 2.15 18.87
CA VAL A 165 3.98 2.99 17.88
C VAL A 165 3.42 2.15 16.75
N CYS A 166 4.11 1.05 16.40
CA CYS A 166 3.60 0.17 15.35
C CYS A 166 2.31 -0.49 15.78
N ILE A 167 2.22 -0.96 17.02
CA ILE A 167 0.97 -1.53 17.51
C ILE A 167 -0.11 -0.47 17.53
N LEU A 168 0.19 0.71 18.06
CA LEU A 168 -0.79 1.79 18.07
C LEU A 168 -1.22 2.15 16.66
N GLY A 169 -0.26 2.36 15.77
CA GLY A 169 -0.60 2.68 14.39
C GLY A 169 -1.42 1.58 13.75
N GLU A 170 -1.13 0.32 14.09
CA GLU A 170 -1.90 -0.79 13.54
C GLU A 170 -3.32 -0.78 14.06
N VAL A 171 -3.50 -0.55 15.36
CA VAL A 171 -4.85 -0.50 15.93
C VAL A 171 -5.63 0.65 15.31
N LEU A 172 -5.02 1.83 15.25
CA LEU A 172 -5.67 2.97 14.60
C LEU A 172 -6.11 2.63 13.19
N ARG A 173 -5.21 2.00 12.42
CA ARG A 173 -5.47 1.71 11.02
C ARG A 173 -6.66 0.77 10.87
N LYS A 174 -6.59 -0.39 11.54
CA LYS A 174 -7.62 -1.41 11.35
C LYS A 174 -8.98 -0.93 11.88
N THR A 175 -8.98 -0.18 12.98
CA THR A 175 -10.22 0.39 13.46
C THR A 175 -10.85 1.30 12.41
N ALA A 176 -10.04 2.13 11.75
CA ALA A 176 -10.55 3.00 10.70
C ALA A 176 -11.20 2.18 9.59
N ILE A 177 -10.56 1.09 9.17
CA ILE A 177 -11.11 0.26 8.11
C ILE A 177 -12.46 -0.32 8.54
N LEU A 178 -12.54 -0.78 9.78
CA LEU A 178 -13.80 -1.31 10.29
C LEU A 178 -14.86 -0.21 10.40
N THR A 179 -14.46 0.98 10.84
CA THR A 179 -15.40 2.08 11.00
C THR A 179 -15.92 2.56 9.66
N ALA A 180 -15.05 2.61 8.65
CA ALA A 180 -15.45 3.05 7.32
C ALA A 180 -16.28 2.00 6.58
N GLY A 181 -16.17 0.73 6.96
CA GLY A 181 -16.99 -0.29 6.32
C GLY A 181 -16.67 -0.41 4.84
N SER A 182 -17.72 -0.57 4.05
CA SER A 182 -17.55 -0.63 2.60
C SER A 182 -17.19 0.73 2.00
N ASN A 183 -17.14 1.80 2.79
CA ASN A 183 -16.66 3.09 2.30
C ASN A 183 -15.13 3.13 2.22
N PHE A 184 -14.43 2.18 2.84
CA PHE A 184 -12.99 2.09 2.70
C PHE A 184 -12.64 1.44 1.38
N ASN A 185 -11.44 1.75 0.89
CA ASN A 185 -10.95 1.14 -0.35
C ASN A 185 -9.44 1.36 -0.43
N HIS A 186 -8.72 0.29 -0.75
CA HIS A 186 -7.28 0.43 -0.96
C HIS A 186 -6.96 1.35 -2.12
N LEU A 187 -7.90 1.52 -3.06
CA LEU A 187 -7.73 2.38 -4.21
C LEU A 187 -8.61 3.61 -4.05
N VAL A 188 -8.01 4.79 -4.22
CA VAL A 188 -8.77 6.03 -4.16
C VAL A 188 -9.81 6.04 -5.27
N GLN A 189 -11.04 6.43 -4.92
CA GLN A 189 -12.17 6.42 -5.84
C GLN A 189 -12.39 7.82 -6.40
N CYS A 190 -12.55 7.91 -7.72
CA CYS A 190 -12.86 9.18 -8.36
C CYS A 190 -14.34 9.32 -8.72
N GLU A 191 -15.12 8.24 -8.62
CA GLU A 191 -16.55 8.27 -8.88
C GLU A 191 -17.29 7.83 -7.62
N LYS A 192 -18.44 8.46 -7.38
CA LYS A 192 -19.23 8.20 -6.18
C LYS A 192 -20.10 6.97 -6.41
N SER A 193 -19.92 5.94 -5.58
CA SER A 193 -20.80 4.79 -5.60
C SER A 193 -22.16 5.15 -5.02
N SER A 194 -23.20 4.47 -5.50
CA SER A 194 -24.55 4.73 -5.02
C SER A 194 -24.75 4.34 -3.56
N ASP A 195 -23.74 3.73 -2.93
CA ASP A 195 -23.81 3.37 -1.51
C ASP A 195 -22.72 4.06 -0.70
N HIS A 196 -21.96 4.97 -1.29
CA HIS A 196 -20.86 5.62 -0.61
C HIS A 196 -21.38 6.77 0.24
N VAL A 197 -21.16 6.70 1.55
CA VAL A 197 -21.63 7.73 2.47
C VAL A 197 -20.43 8.30 3.22
N LEU A 198 -20.63 9.48 3.77
CA LEU A 198 -19.58 10.15 4.53
C LEU A 198 -19.53 9.60 5.95
N VAL A 199 -18.31 9.36 6.42
CA VAL A 199 -18.06 8.80 7.75
C VAL A 199 -17.39 9.89 8.58
N THR A 200 -18.01 10.23 9.71
CA THR A 200 -17.48 11.27 10.59
C THR A 200 -17.46 10.83 12.06
N HIS A 201 -17.78 9.58 12.34
CA HIS A 201 -17.83 9.08 13.71
C HIS A 201 -16.64 8.16 13.97
N GLY A 202 -16.48 7.81 15.25
CA GLY A 202 -15.35 6.98 15.64
C GLY A 202 -14.03 7.71 15.43
N VAL A 203 -13.01 6.96 15.03
CA VAL A 203 -11.71 7.57 14.77
C VAL A 203 -11.79 8.63 13.68
N TYR A 204 -12.84 8.60 12.85
CA TYR A 204 -13.03 9.67 11.87
C TYR A 204 -13.50 10.96 12.51
N ALA A 205 -13.86 10.95 13.80
CA ALA A 205 -14.07 12.18 14.53
C ALA A 205 -12.76 12.78 15.03
N TRP A 206 -11.71 11.95 15.18
CA TRP A 206 -10.41 12.45 15.59
C TRP A 206 -9.63 13.00 14.41
N PHE A 207 -9.55 12.22 13.32
CA PHE A 207 -8.80 12.59 12.14
C PHE A 207 -9.65 12.34 10.90
N ARG A 208 -9.38 13.12 9.85
CA ARG A 208 -10.06 12.90 8.58
C ARG A 208 -9.52 11.69 7.83
N HIS A 209 -8.29 11.28 8.12
CA HIS A 209 -7.65 10.16 7.43
C HIS A 209 -6.96 9.26 8.46
N PRO A 210 -7.73 8.66 9.36
CA PRO A 210 -7.11 7.87 10.43
C PRO A 210 -6.33 6.65 9.93
N SER A 211 -6.72 6.07 8.79
CA SER A 211 -5.97 4.93 8.28
C SER A 211 -4.60 5.36 7.77
N TYR A 212 -4.50 6.56 7.18
CA TYR A 212 -3.20 7.08 6.77
C TYR A 212 -2.37 7.51 7.97
N VAL A 213 -3.02 8.02 9.02
CA VAL A 213 -2.29 8.37 10.24
C VAL A 213 -1.65 7.12 10.83
N GLY A 214 -2.42 6.05 10.96
CA GLY A 214 -1.86 4.80 11.46
C GLY A 214 -0.75 4.27 10.57
N TRP A 215 -0.97 4.29 9.26
CA TRP A 215 0.06 3.84 8.33
C TRP A 215 1.30 4.72 8.42
N PHE A 216 1.11 6.03 8.52
CA PHE A 216 2.23 6.96 8.59
C PHE A 216 3.14 6.64 9.77
N TYR A 217 2.58 6.58 10.97
CA TYR A 217 3.40 6.34 12.16
C TYR A 217 3.88 4.90 12.23
N TRP A 218 3.07 3.94 11.77
CA TRP A 218 3.53 2.55 11.72
C TRP A 218 4.81 2.44 10.89
N SER A 219 4.82 3.06 9.71
CA SER A 219 5.99 2.94 8.84
C SER A 219 7.23 3.52 9.50
N ILE A 220 7.10 4.68 10.14
CA ILE A 220 8.22 5.23 10.92
C ILE A 220 8.57 4.27 12.05
N GLY A 221 7.56 3.67 12.68
CA GLY A 221 7.81 2.77 13.79
C GLY A 221 8.70 1.60 13.40
N THR A 222 8.47 1.03 12.21
CA THR A 222 9.27 -0.11 11.79
C THR A 222 10.76 0.20 11.85
N GLN A 223 11.15 1.42 11.46
CA GLN A 223 12.55 1.79 11.48
C GLN A 223 13.04 2.17 12.87
N ILE A 224 12.13 2.56 13.77
CA ILE A 224 12.51 2.70 15.17
C ILE A 224 12.78 1.33 15.78
N ILE A 225 11.97 0.33 15.40
CA ILE A 225 12.26 -1.04 15.82
C ILE A 225 13.69 -1.40 15.46
N LEU A 226 14.06 -1.18 14.20
CA LEU A 226 15.38 -1.52 13.69
C LEU A 226 16.48 -0.61 14.22
N ILE A 227 16.13 0.50 14.87
CA ILE A 227 17.11 1.49 15.30
C ILE A 227 18.01 1.82 14.11
N ASN A 228 17.39 2.22 13.00
CA ASN A 228 18.12 2.63 11.80
C ASN A 228 18.16 4.16 11.74
N PRO A 229 19.26 4.81 12.12
CA PRO A 229 19.27 6.29 12.13
C PRO A 229 19.15 6.92 10.75
N LEU A 230 19.46 6.20 9.67
CA LEU A 230 19.32 6.76 8.34
C LEU A 230 17.92 6.58 7.78
N CYS A 231 17.28 5.44 8.03
CA CYS A 231 15.99 5.15 7.42
C CYS A 231 14.84 5.87 8.14
N ILE A 232 15.01 6.18 9.43
CA ILE A 232 13.93 6.80 10.19
C ILE A 232 13.55 8.12 9.53
N PRO A 233 14.48 9.05 9.34
CA PRO A 233 14.08 10.31 8.66
C PRO A 233 13.66 10.09 7.22
N ALA A 234 14.37 9.23 6.49
CA ALA A 234 14.01 8.97 5.10
C ALA A 234 12.60 8.41 4.99
N TYR A 235 12.27 7.43 5.83
CA TYR A 235 10.92 6.87 5.84
C TYR A 235 9.89 7.93 6.22
N THR A 236 10.21 8.78 7.20
CA THR A 236 9.27 9.81 7.63
C THR A 236 8.93 10.75 6.48
N LEU A 237 9.94 11.21 5.75
CA LEU A 237 9.74 12.17 4.67
CA LEU A 237 9.71 12.17 4.69
C LEU A 237 9.04 11.51 3.48
N ALA A 238 9.51 10.34 3.07
CA ALA A 238 8.88 9.64 1.96
C ALA A 238 7.43 9.34 2.28
N SER A 239 7.17 8.81 3.47
CA SER A 239 5.80 8.60 3.92
C SER A 239 4.99 9.88 3.86
N TRP A 240 5.55 10.97 4.38
CA TRP A 240 4.82 12.22 4.50
C TRP A 240 4.40 12.76 3.13
N MET A 241 5.35 12.81 2.18
CA MET A 241 5.03 13.39 0.88
CA MET A 241 5.05 13.37 0.87
C MET A 241 4.04 12.52 0.11
N PHE A 242 4.08 11.20 0.30
CA PHE A 242 3.14 10.34 -0.40
C PHE A 242 1.71 10.58 0.06
N PHE A 243 1.51 10.73 1.38
CA PHE A 243 0.17 10.95 1.90
C PHE A 243 -0.30 12.39 1.66
N LYS A 244 0.62 13.35 1.56
CA LYS A 244 0.23 14.68 1.17
C LYS A 244 -0.37 14.69 -0.23
N GLU A 245 0.33 14.08 -1.20
CA GLU A 245 -0.21 13.96 -2.55
C GLU A 245 -1.51 13.17 -2.55
N ARG A 246 -1.50 12.01 -1.90
CA ARG A 246 -2.67 11.14 -1.91
C ARG A 246 -3.88 11.84 -1.29
N ILE A 247 -3.69 12.46 -0.12
CA ILE A 247 -4.80 13.13 0.56
C ILE A 247 -5.33 14.27 -0.29
N TYR A 248 -4.44 15.01 -0.95
CA TYR A 248 -4.86 16.19 -1.71
C TYR A 248 -5.84 15.81 -2.81
N ILE A 249 -5.47 14.84 -3.65
CA ILE A 249 -6.37 14.38 -4.69
C ILE A 249 -7.59 13.69 -4.09
N GLU A 250 -7.40 13.00 -2.97
CA GLU A 250 -8.49 12.22 -2.38
C GLU A 250 -9.60 13.12 -1.87
N GLU A 251 -9.24 14.24 -1.23
CA GLU A 251 -10.24 15.16 -0.70
C GLU A 251 -10.91 15.98 -1.78
N SER A 252 -10.25 16.20 -2.93
CA SER A 252 -10.91 16.87 -4.04
C SER A 252 -12.06 16.02 -4.57
N MET A 253 -11.90 14.69 -4.57
CA MET A 253 -12.99 13.81 -4.97
C MET A 253 -14.06 13.74 -3.89
N LEU A 254 -13.67 13.81 -2.62
CA LEU A 254 -14.65 13.78 -1.54
C LEU A 254 -15.51 15.04 -1.54
N LEU A 255 -14.95 16.19 -1.92
CA LEU A 255 -15.73 17.42 -1.97
C LEU A 255 -16.79 17.33 -3.07
N SER A 256 -16.44 16.74 -4.22
CA SER A 256 -17.43 16.53 -5.28
C SER A 256 -18.44 15.46 -4.90
N PHE A 257 -18.09 14.57 -3.97
CA PHE A 257 -19.03 13.55 -3.52
C PHE A 257 -20.06 14.13 -2.55
N PHE A 258 -19.59 14.82 -1.51
CA PHE A 258 -20.44 15.23 -0.40
C PHE A 258 -20.54 16.74 -0.24
N GLY A 259 -19.88 17.51 -1.09
CA GLY A 259 -20.07 18.95 -1.11
C GLY A 259 -19.82 19.59 0.25
N GLN A 260 -20.79 20.35 0.73
CA GLN A 260 -20.61 21.13 1.96
C GLN A 260 -20.44 20.23 3.17
N GLN A 261 -21.00 19.02 3.15
CA GLN A 261 -20.85 18.11 4.28
C GLN A 261 -19.38 17.82 4.53
N TYR A 262 -18.58 17.65 3.48
CA TYR A 262 -17.15 17.46 3.68
C TYR A 262 -16.45 18.78 3.97
N CYS A 263 -16.92 19.88 3.39
CA CYS A 263 -16.36 21.19 3.72
C CYS A 263 -16.51 21.47 5.21
N ASP A 264 -17.69 21.21 5.77
CA ASP A 264 -17.88 21.36 7.21
C ASP A 264 -16.99 20.40 7.98
N TYR A 265 -16.78 19.20 7.44
CA TYR A 265 -15.94 18.21 8.10
C TYR A 265 -14.48 18.64 8.12
N GLN A 266 -14.03 19.37 7.11
CA GLN A 266 -12.66 19.87 7.08
C GLN A 266 -12.45 20.96 8.14
N GLN A 267 -13.46 21.75 8.43
CA GLN A 267 -13.32 22.81 9.43
C GLN A 267 -13.33 22.26 10.85
N GLN A 268 -13.98 21.11 11.06
CA GLN A 268 -14.11 20.54 12.40
C GLN A 268 -13.00 19.57 12.76
N VAL A 269 -12.42 18.88 11.78
CA VAL A 269 -11.45 17.82 12.03
C VAL A 269 -10.26 18.00 11.10
N GLY A 270 -9.06 17.82 11.64
CA GLY A 270 -7.85 17.87 10.84
C GLY A 270 -7.54 16.52 10.21
N THR A 271 -6.53 16.55 9.31
CA THR A 271 -6.17 15.34 8.59
C THR A 271 -5.59 14.29 9.54
N GLY A 272 -4.79 14.71 10.52
CA GLY A 272 -4.16 13.81 11.46
C GLY A 272 -2.67 13.65 11.27
N ILE A 273 -2.12 14.08 10.13
CA ILE A 273 -0.69 14.05 9.88
C ILE A 273 -0.18 15.49 9.93
N PRO A 274 0.87 15.78 10.70
CA PRO A 274 1.32 17.18 10.82
C PRO A 274 1.72 17.77 9.48
N PHE A 275 1.36 19.04 9.29
CA PHE A 275 1.74 19.86 8.14
C PHE A 275 1.06 19.43 6.84
N ILE A 276 0.04 18.58 6.91
CA ILE A 276 -0.78 18.23 5.75
C ILE A 276 -2.17 18.81 5.95
N GLU A 277 -2.55 19.75 5.09
CA GLU A 277 -3.83 20.44 5.23
C GLU A 277 -4.94 19.77 4.44
N GLY A 278 -4.62 19.16 3.31
CA GLY A 278 -5.62 18.59 2.43
C GLY A 278 -6.00 19.54 1.31
N TYR A 279 -7.18 19.28 0.74
CA TYR A 279 -7.71 20.12 -0.33
C TYR A 279 -8.50 21.28 0.27
N LYS A 280 -7.75 22.19 0.89
CA LYS A 280 -8.32 23.32 1.60
C LYS A 280 -7.21 24.32 1.89
N ILE A 281 -7.60 25.57 2.05
CA ILE A 281 -6.64 26.63 2.36
C ILE A 281 -6.30 26.58 3.85
N ALA B 1 0.79 -4.39 -22.41
CA ALA B 1 1.08 -3.09 -21.74
C ALA B 1 2.16 -3.26 -20.68
N VAL B 2 3.40 -3.48 -21.13
CA VAL B 2 4.49 -3.77 -20.22
C VAL B 2 4.89 -2.55 -19.39
N SER B 3 4.63 -1.35 -19.91
CA SER B 3 5.09 -0.13 -19.24
C SER B 3 4.36 0.09 -17.91
N SER B 4 5.00 0.86 -17.04
CA SER B 4 4.42 1.24 -15.76
C SER B 4 3.60 2.52 -15.83
N VAL B 5 3.61 3.21 -16.96
CA VAL B 5 2.85 4.45 -17.14
C VAL B 5 1.93 4.27 -18.33
N PRO B 6 0.93 5.14 -18.48
CA PRO B 6 0.06 5.07 -19.66
C PRO B 6 0.85 5.23 -20.96
N THR B 7 0.48 4.45 -21.96
CA THR B 7 1.14 4.48 -23.26
C THR B 7 0.09 4.43 -24.37
N LYS B 8 0.56 4.57 -25.60
CA LYS B 8 -0.28 4.42 -26.78
C LYS B 8 -1.50 5.34 -26.73
N LEU B 9 -1.30 6.55 -26.21
CA LEU B 9 -2.36 7.54 -26.18
C LEU B 9 -2.69 8.00 -27.59
N GLU B 10 -3.98 8.01 -27.93
CA GLU B 10 -4.37 8.23 -29.31
C GLU B 10 -5.83 8.70 -29.37
N VAL B 11 -6.12 9.51 -30.38
CA VAL B 11 -7.50 9.82 -30.76
C VAL B 11 -8.00 8.70 -31.66
N VAL B 12 -9.05 8.02 -31.23
CA VAL B 12 -9.63 6.92 -32.01
C VAL B 12 -10.60 7.42 -33.04
N ALA B 13 -11.56 8.24 -32.62
CA ALA B 13 -12.57 8.79 -33.50
C ALA B 13 -12.78 10.25 -33.12
N ALA B 14 -13.01 11.09 -34.13
CA ALA B 14 -13.11 12.52 -33.91
C ALA B 14 -14.25 13.10 -34.74
N THR B 15 -14.88 14.11 -34.18
CA THR B 15 -15.81 15.00 -34.88
C THR B 15 -15.28 16.41 -34.74
N PRO B 16 -15.73 17.36 -35.56
CA PRO B 16 -15.12 18.70 -35.56
C PRO B 16 -15.07 19.35 -34.18
N THR B 17 -15.89 18.87 -33.24
CA THR B 17 -15.97 19.47 -31.91
C THR B 17 -15.73 18.50 -30.76
N SER B 18 -15.48 17.21 -31.03
CA SER B 18 -15.31 16.25 -29.94
C SER B 18 -14.32 15.19 -30.36
N LEU B 19 -13.76 14.51 -29.36
CA LEU B 19 -12.75 13.48 -29.56
C LEU B 19 -13.06 12.26 -28.72
N LEU B 20 -12.72 11.09 -29.25
CA LEU B 20 -12.74 9.84 -28.50
C LEU B 20 -11.29 9.37 -28.37
N ILE B 21 -10.73 9.51 -27.17
CA ILE B 21 -9.33 9.20 -26.94
C ILE B 21 -9.23 7.84 -26.27
N SER B 22 -8.06 7.22 -26.41
CA SER B 22 -7.80 5.91 -25.85
C SER B 22 -6.31 5.78 -25.58
N TRP B 23 -5.97 4.94 -24.60
CA TRP B 23 -4.58 4.70 -24.25
C TRP B 23 -4.45 3.30 -23.69
N ASP B 24 -3.22 2.78 -23.70
CA ASP B 24 -2.93 1.49 -23.10
C ASP B 24 -2.71 1.68 -21.61
N ALA B 25 -3.50 0.99 -20.80
CA ALA B 25 -3.32 1.08 -19.36
C ALA B 25 -1.99 0.45 -18.95
N PRO B 26 -1.28 1.05 -18.00
CA PRO B 26 -0.01 0.45 -17.56
C PRO B 26 -0.20 -0.94 -16.98
N ALA B 27 0.92 -1.65 -16.83
CA ALA B 27 0.90 -2.98 -16.22
C ALA B 27 0.59 -2.93 -14.74
N VAL B 28 0.53 -1.74 -14.14
CA VAL B 28 0.33 -1.60 -12.71
C VAL B 28 -1.12 -1.22 -12.44
N THR B 29 -1.55 -1.40 -11.21
CA THR B 29 -2.89 -1.00 -10.80
CA THR B 29 -2.89 -1.00 -10.81
C THR B 29 -2.96 0.52 -10.69
N VAL B 30 -3.94 1.10 -11.36
CA VAL B 30 -4.17 2.55 -11.35
C VAL B 30 -5.45 2.81 -10.57
N ASP B 31 -5.40 3.77 -9.65
CA ASP B 31 -6.59 4.17 -8.92
C ASP B 31 -7.50 5.02 -9.81
N LEU B 32 -6.97 6.10 -10.36
CA LEU B 32 -7.74 6.98 -11.22
C LEU B 32 -6.81 7.63 -12.24
N TYR B 33 -7.42 8.23 -13.26
CA TYR B 33 -6.71 9.05 -14.22
C TYR B 33 -7.22 10.49 -14.13
N VAL B 34 -6.34 11.42 -14.49
CA VAL B 34 -6.70 12.82 -14.71
C VAL B 34 -6.40 13.13 -16.16
N ILE B 35 -7.42 13.54 -16.90
CA ILE B 35 -7.28 13.90 -18.31
C ILE B 35 -7.28 15.42 -18.41
N THR B 36 -6.31 15.96 -19.12
CA THR B 36 -6.24 17.40 -19.39
C THR B 36 -6.22 17.62 -20.89
N TYR B 37 -6.93 18.66 -21.33
CA TYR B 37 -6.93 19.05 -22.73
C TYR B 37 -7.02 20.56 -22.82
N GLY B 38 -6.24 21.12 -23.74
CA GLY B 38 -6.24 22.56 -23.94
C GLY B 38 -5.70 22.89 -25.32
N GLU B 39 -6.01 24.11 -25.76
CA GLU B 39 -5.51 24.59 -27.04
C GLU B 39 -4.00 24.75 -26.96
N THR B 40 -3.29 24.05 -27.84
CA THR B 40 -1.83 24.11 -27.87
C THR B 40 -1.36 25.57 -27.86
N GLY B 41 -0.73 25.99 -26.77
CA GLY B 41 -0.30 27.37 -26.65
C GLY B 41 -1.43 28.36 -26.51
N GLY B 42 -2.51 27.97 -25.84
CA GLY B 42 -3.62 28.88 -25.60
C GLY B 42 -3.39 29.76 -24.39
N ASN B 43 -4.18 30.83 -24.30
CA ASN B 43 -4.10 31.71 -23.14
C ASN B 43 -4.84 31.13 -21.93
N SER B 44 -5.91 30.37 -22.16
CA SER B 44 -6.70 29.82 -21.07
C SER B 44 -5.99 28.62 -20.44
N PRO B 45 -6.15 28.42 -19.13
CA PRO B 45 -5.72 27.15 -18.53
C PRO B 45 -6.51 25.99 -19.11
N VAL B 46 -5.91 24.80 -19.05
CA VAL B 46 -6.50 23.62 -19.64
C VAL B 46 -7.70 23.17 -18.83
N GLN B 47 -8.45 22.20 -19.35
CA GLN B 47 -9.56 21.59 -18.64
C GLN B 47 -9.09 20.30 -17.97
N GLU B 48 -9.95 19.75 -17.12
CA GLU B 48 -9.58 18.55 -16.38
C GLU B 48 -10.84 17.76 -16.01
N PHE B 49 -10.68 16.44 -15.97
CA PHE B 49 -11.69 15.55 -15.43
C PHE B 49 -11.03 14.22 -15.09
N LYS B 50 -11.76 13.38 -14.35
CA LYS B 50 -11.24 12.12 -13.85
C LYS B 50 -11.98 10.95 -14.50
N VAL B 51 -11.25 9.85 -14.70
CA VAL B 51 -11.84 8.60 -15.17
C VAL B 51 -11.34 7.48 -14.26
N PRO B 52 -12.15 6.46 -13.97
CA PRO B 52 -11.69 5.38 -13.08
C PRO B 52 -10.48 4.67 -13.64
N GLY B 53 -9.65 4.14 -12.73
CA GLY B 53 -8.45 3.44 -13.13
C GLY B 53 -8.69 2.14 -13.88
N SER B 54 -9.94 1.68 -13.93
CA SER B 54 -10.28 0.48 -14.67
C SER B 54 -10.61 0.75 -16.14
N LYS B 55 -10.79 2.01 -16.52
CA LYS B 55 -11.08 2.37 -17.90
C LYS B 55 -9.81 2.86 -18.60
N SER B 56 -9.82 2.75 -19.92
CA SER B 56 -8.71 3.19 -20.76
C SER B 56 -9.15 4.12 -21.89
N THR B 57 -10.36 4.66 -21.83
CA THR B 57 -10.87 5.55 -22.87
C THR B 57 -11.55 6.73 -22.21
N ALA B 58 -11.80 7.77 -23.01
CA ALA B 58 -12.51 8.94 -22.53
C ALA B 58 -13.04 9.71 -23.74
N THR B 59 -13.93 10.66 -23.47
CA THR B 59 -14.52 11.50 -24.51
C THR B 59 -14.40 12.95 -24.09
N ILE B 60 -14.05 13.79 -25.05
CA ILE B 60 -13.90 15.23 -24.84
C ILE B 60 -14.79 15.94 -25.85
N SER B 61 -15.53 16.94 -25.37
CA SER B 61 -16.52 17.65 -26.19
C SER B 61 -16.31 19.15 -26.05
N GLY B 62 -17.09 19.91 -26.83
CA GLY B 62 -17.05 21.36 -26.76
C GLY B 62 -15.84 22.00 -27.40
N LEU B 63 -15.19 21.31 -28.33
CA LEU B 63 -13.97 21.81 -28.92
C LEU B 63 -14.26 22.67 -30.15
N LYS B 64 -13.35 23.59 -30.43
CA LYS B 64 -13.39 24.42 -31.63
C LYS B 64 -12.89 23.62 -32.83
N PRO B 65 -13.57 23.71 -33.98
CA PRO B 65 -13.05 23.04 -35.19
C PRO B 65 -11.76 23.68 -35.70
N GLY B 66 -10.90 22.84 -36.25
CA GLY B 66 -9.68 23.30 -36.90
C GLY B 66 -8.68 23.94 -35.96
N VAL B 67 -8.58 23.47 -34.72
CA VAL B 67 -7.67 24.03 -33.73
C VAL B 67 -6.74 22.93 -33.24
N ASP B 68 -5.48 23.28 -33.06
CA ASP B 68 -4.51 22.34 -32.49
C ASP B 68 -4.74 22.19 -30.99
N TYR B 69 -4.71 20.95 -30.52
CA TYR B 69 -4.94 20.64 -29.12
C TYR B 69 -3.84 19.72 -28.59
N THR B 70 -3.56 19.86 -27.31
CA THR B 70 -2.67 18.96 -26.59
C THR B 70 -3.48 18.28 -25.49
N ILE B 71 -3.42 16.95 -25.46
CA ILE B 71 -4.11 16.15 -24.45
C ILE B 71 -3.05 15.44 -23.61
N THR B 72 -3.31 15.32 -22.31
CA THR B 72 -2.37 14.67 -21.41
C THR B 72 -3.12 13.79 -20.43
N VAL B 73 -2.57 12.60 -20.17
CA VAL B 73 -3.15 11.62 -19.27
C VAL B 73 -2.24 11.47 -18.05
N TYR B 74 -2.81 11.64 -16.86
CA TYR B 74 -2.09 11.47 -15.60
C TYR B 74 -2.68 10.27 -14.87
N ALA B 75 -1.85 9.28 -14.58
CA ALA B 75 -2.26 8.13 -13.79
C ALA B 75 -1.84 8.32 -12.33
N PHE B 76 -2.74 8.00 -11.42
CA PHE B 76 -2.47 8.02 -9.99
C PHE B 76 -2.43 6.57 -9.49
N SER B 77 -1.33 6.19 -8.86
CA SER B 77 -1.13 4.82 -8.44
C SER B 77 -0.14 4.77 -7.30
N SER B 78 -0.34 3.78 -6.41
CA SER B 78 0.61 3.53 -5.35
C SER B 78 1.92 2.96 -5.88
N TYR B 79 1.94 2.50 -7.13
CA TYR B 79 3.18 2.02 -7.74
C TYR B 79 4.23 3.11 -7.85
N TYR B 80 3.81 4.37 -7.89
CA TYR B 80 4.71 5.51 -8.06
C TYR B 80 5.32 5.98 -6.75
N TRP B 81 5.21 5.20 -5.68
CA TRP B 81 5.76 5.58 -4.40
C TRP B 81 7.19 6.08 -4.55
N PRO B 82 7.60 7.13 -3.83
CA PRO B 82 6.84 7.90 -2.82
C PRO B 82 5.96 8.99 -3.42
N SER B 83 5.83 9.02 -4.74
CA SER B 83 4.86 9.89 -5.39
C SER B 83 3.56 9.15 -5.60
N TYR B 84 2.47 9.91 -5.72
CA TYR B 84 1.18 9.35 -6.07
C TYR B 84 0.72 9.75 -7.47
N LYS B 85 1.10 10.93 -7.93
CA LYS B 85 0.90 11.31 -9.34
C LYS B 85 2.02 10.73 -10.18
N GLY B 86 1.66 10.14 -11.33
CA GLY B 86 2.62 9.50 -12.19
C GLY B 86 3.14 10.41 -13.28
N SER B 87 4.01 9.84 -14.11
CA SER B 87 4.56 10.57 -15.24
C SER B 87 3.51 10.66 -16.35
N PRO B 88 3.37 11.82 -17.01
CA PRO B 88 2.30 11.99 -18.00
C PRO B 88 2.69 11.45 -19.37
N ILE B 89 1.66 11.29 -20.21
CA ILE B 89 1.83 11.05 -21.64
C ILE B 89 0.96 12.05 -22.37
N SER B 90 1.52 12.66 -23.41
CA SER B 90 0.84 13.71 -24.15
C SER B 90 0.84 13.41 -25.64
N ILE B 91 -0.18 13.94 -26.32
CA ILE B 91 -0.29 13.88 -27.77
C ILE B 91 -0.85 15.20 -28.26
N ASN B 92 -0.81 15.40 -29.58
CA ASN B 92 -1.34 16.59 -30.22
C ASN B 92 -2.30 16.18 -31.33
N TYR B 93 -3.39 16.91 -31.46
CA TYR B 93 -4.40 16.59 -32.46
C TYR B 93 -5.15 17.85 -32.85
N ARG B 94 -5.32 18.05 -34.16
CA ARG B 94 -6.07 19.18 -34.70
C ARG B 94 -7.48 18.72 -35.07
N THR B 95 -8.48 19.45 -34.60
CA THR B 95 -9.87 19.11 -34.89
C THR B 95 -10.30 19.64 -36.26
#